data_9F5F
#
_entry.id   9F5F
#
_cell.length_a   37.977
_cell.length_b   43.898
_cell.length_c   55.937
_cell.angle_alpha   90.000
_cell.angle_beta   94.190
_cell.angle_gamma   90.000
#
_symmetry.space_group_name_H-M   'P 1 21 1'
#
loop_
_entity.id
_entity.type
_entity.pdbx_description
1 polymer 'Heterogeneous nuclear ribonucleoprotein A1, N-terminally processed'
2 non-polymer (3R)-N-methyl-1-(pyridazin-3-yl)piperidin-3-amine
3 water water
#
_entity_poly.entity_id   1
_entity_poly.type   'polypeptide(L)'
_entity_poly.pdbx_seq_one_letter_code
;GPMGSKSESPKEPEQLRKLFIGGLSFETTDESLRSHFEQWGTLTDCVVMRDPNTKRSRGFGFVTYATVEEVDAAMNARPH
KVDGRVVEPKRAVSREDSQRPGAHLTVKKIFVGGIKEDTEEHHLRDYFEQYGKIEVIEIMTDRGSGKKRGFAFVTFDDHD
SVDKIVIQKYHTVNGHNCEVRKALSKQEMASASSSQRG
;
_entity_poly.pdbx_strand_id   A
#
# COMPACT_ATOMS: atom_id res chain seq x y z
N PRO A 10 2.94 -22.37 -0.42
CA PRO A 10 4.20 -21.98 0.18
C PRO A 10 4.16 -20.54 0.69
N LYS A 11 5.33 -19.95 0.94
CA LYS A 11 5.42 -18.62 1.51
C LYS A 11 5.27 -17.56 0.42
N GLU A 12 4.53 -16.50 0.73
CA GLU A 12 4.49 -15.33 -0.15
C GLU A 12 5.92 -14.80 -0.35
N PRO A 13 6.20 -14.27 -1.54
CA PRO A 13 7.53 -13.70 -1.79
C PRO A 13 7.89 -12.68 -0.73
N GLU A 14 9.16 -12.73 -0.32
CA GLU A 14 9.62 -11.89 0.78
C GLU A 14 9.41 -10.41 0.49
N GLN A 15 9.60 -9.99 -0.77
CA GLN A 15 9.41 -8.60 -1.13
C GLN A 15 8.04 -8.08 -0.72
N LEU A 16 7.03 -8.96 -0.75
CA LEU A 16 5.66 -8.56 -0.46
C LEU A 16 5.36 -8.59 1.03
N ARG A 17 6.33 -9.03 1.84
CA ARG A 17 6.19 -9.11 3.28
C ARG A 17 6.99 -8.04 4.02
N LYS A 18 7.60 -7.13 3.27
CA LYS A 18 8.47 -6.12 3.90
C LYS A 18 7.77 -4.79 4.06
N LEU A 19 8.12 -4.10 5.13
CA LEU A 19 7.63 -2.72 5.25
C LEU A 19 8.83 -1.79 5.42
N PHE A 20 8.93 -0.79 4.56
N PHE A 20 8.92 -0.78 4.56
CA PHE A 20 9.99 0.23 4.73
CA PHE A 20 10.01 0.22 4.72
C PHE A 20 9.46 1.22 5.75
C PHE A 20 9.48 1.25 5.72
N ILE A 21 10.23 1.47 6.80
CA ILE A 21 9.77 2.40 7.86
C ILE A 21 10.61 3.68 7.80
N GLY A 22 10.01 4.75 7.32
CA GLY A 22 10.71 6.04 7.28
C GLY A 22 10.38 6.91 8.47
N GLY A 23 11.19 7.93 8.65
CA GLY A 23 10.95 8.89 9.71
C GLY A 23 11.29 8.39 11.10
N LEU A 24 12.20 7.44 11.22
CA LEU A 24 12.53 6.91 12.54
C LEU A 24 13.18 7.97 13.40
N SER A 25 12.94 7.87 14.70
CA SER A 25 13.82 8.53 15.65
C SER A 25 15.23 7.96 15.49
N PHE A 26 16.23 8.84 15.55
CA PHE A 26 17.61 8.36 15.47
C PHE A 26 17.97 7.46 16.64
N GLU A 27 17.17 7.45 17.71
CA GLU A 27 17.43 6.57 18.83
C GLU A 27 16.78 5.19 18.69
N THR A 28 15.96 4.97 17.66
CA THR A 28 15.40 3.64 17.42
C THR A 28 16.50 2.66 17.01
N THR A 29 16.44 1.45 17.58
CA THR A 29 17.42 0.41 17.32
C THR A 29 16.72 -0.79 16.66
N ASP A 30 17.51 -1.74 16.17
CA ASP A 30 16.91 -2.98 15.66
C ASP A 30 15.97 -3.55 16.72
N GLU A 31 16.39 -3.52 17.98
CA GLU A 31 15.61 -4.15 19.02
C GLU A 31 14.34 -3.38 19.33
N SER A 32 14.40 -2.04 19.37
CA SER A 32 13.17 -1.30 19.68
C SER A 32 12.20 -1.29 18.50
N LEU A 33 12.73 -1.28 17.27
CA LEU A 33 11.85 -1.39 16.10
C LEU A 33 11.16 -2.74 16.09
N ARG A 34 11.89 -3.79 16.43
CA ARG A 34 11.32 -5.13 16.48
C ARG A 34 10.25 -5.25 17.57
N SER A 35 10.56 -4.79 18.78
CA SER A 35 9.59 -4.87 19.87
C SER A 35 8.30 -4.16 19.49
N HIS A 36 8.41 -3.04 18.79
CA HIS A 36 7.20 -2.33 18.36
C HIS A 36 6.42 -3.16 17.34
N PHE A 37 7.06 -3.52 16.23
CA PHE A 37 6.32 -4.10 15.12
C PHE A 37 5.94 -5.55 15.34
N GLU A 38 6.57 -6.23 16.31
CA GLU A 38 6.12 -7.57 16.64
C GLU A 38 4.72 -7.62 17.22
N GLN A 39 4.14 -6.47 17.56
CA GLN A 39 2.75 -6.50 18.02
C GLN A 39 1.79 -6.98 16.95
N TRP A 40 2.15 -6.88 15.67
CA TRP A 40 1.24 -7.21 14.57
C TRP A 40 1.64 -8.43 13.79
N GLY A 41 2.68 -9.14 14.21
CA GLY A 41 3.01 -10.38 13.55
C GLY A 41 4.42 -10.83 13.86
N THR A 42 4.75 -12.01 13.37
CA THR A 42 6.09 -12.57 13.45
C THR A 42 7.03 -11.84 12.50
N LEU A 43 8.13 -11.31 13.03
CA LEU A 43 9.13 -10.62 12.22
C LEU A 43 10.29 -11.57 11.93
N THR A 44 10.49 -11.86 10.65
CA THR A 44 11.65 -12.65 10.22
C THR A 44 12.89 -11.78 10.04
N ASP A 45 12.74 -10.46 9.98
CA ASP A 45 13.85 -9.53 9.81
C ASP A 45 13.42 -8.17 10.33
N CYS A 46 14.38 -7.41 10.84
CA CYS A 46 14.11 -6.08 11.36
C CYS A 46 15.43 -5.35 11.48
N VAL A 47 15.62 -4.27 10.70
CA VAL A 47 16.91 -3.60 10.61
C VAL A 47 16.71 -2.10 10.57
N VAL A 48 17.50 -1.37 11.37
CA VAL A 48 17.61 0.07 11.27
C VAL A 48 18.82 0.37 10.39
N MET A 49 18.65 1.20 9.38
CA MET A 49 19.79 1.54 8.53
C MET A 49 20.66 2.58 9.21
N ARG A 50 21.99 2.34 9.19
CA ARG A 50 22.94 3.20 9.86
C ARG A 50 24.08 3.58 8.93
N ASP A 51 24.73 4.69 9.24
CA ASP A 51 25.94 5.05 8.53
C ASP A 51 27.03 4.01 8.78
N PRO A 52 27.78 3.60 7.75
CA PRO A 52 28.80 2.56 7.96
C PRO A 52 29.96 3.00 8.82
N ASN A 53 30.25 4.30 8.89
CA ASN A 53 31.37 4.78 9.68
C ASN A 53 30.97 5.28 11.06
N THR A 54 29.94 6.10 11.14
CA THR A 54 29.58 6.69 12.43
C THR A 54 28.62 5.84 13.23
N LYS A 55 27.95 4.89 12.59
CA LYS A 55 26.86 4.12 13.19
C LYS A 55 25.63 4.95 13.52
N ARG A 56 25.61 6.22 13.15
CA ARG A 56 24.44 7.05 13.40
C ARG A 56 23.32 6.61 12.48
N SER A 57 22.12 6.49 13.04
CA SER A 57 20.94 6.14 12.27
C SER A 57 20.76 7.02 11.05
N ARG A 58 20.35 6.40 9.94
CA ARG A 58 19.92 7.09 8.75
C ARG A 58 18.44 7.48 8.82
N GLY A 59 17.76 7.12 9.90
CA GLY A 59 16.38 7.56 10.07
C GLY A 59 15.35 6.71 9.37
N PHE A 60 15.73 5.53 8.86
CA PHE A 60 14.78 4.63 8.26
C PHE A 60 15.27 3.21 8.47
N GLY A 61 14.35 2.30 8.24
CA GLY A 61 14.70 0.89 8.39
C GLY A 61 13.63 0.06 7.74
N PHE A 62 13.69 -1.25 7.98
N PHE A 62 13.68 -1.25 7.98
CA PHE A 62 12.69 -2.15 7.37
CA PHE A 62 12.71 -2.16 7.35
C PHE A 62 12.38 -3.30 8.29
C PHE A 62 12.38 -3.30 8.28
N VAL A 63 11.17 -3.85 8.13
CA VAL A 63 10.77 -5.02 8.94
C VAL A 63 10.21 -6.01 7.91
N THR A 64 10.41 -7.28 8.17
CA THR A 64 9.83 -8.31 7.29
C THR A 64 8.96 -9.22 8.14
N TYR A 65 7.69 -9.32 7.76
CA TYR A 65 6.75 -10.19 8.45
C TYR A 65 6.75 -11.58 7.81
N ALA A 66 6.19 -12.54 8.55
CA ALA A 66 6.09 -13.89 8.04
C ALA A 66 5.03 -14.03 6.96
N THR A 67 4.00 -13.17 6.97
CA THR A 67 2.90 -13.28 6.02
C THR A 67 2.42 -11.89 5.60
N VAL A 68 1.77 -11.86 4.44
CA VAL A 68 1.15 -10.64 3.94
C VAL A 68 0.02 -10.16 4.85
N GLU A 69 -0.78 -11.08 5.41
CA GLU A 69 -1.80 -10.64 6.36
C GLU A 69 -1.21 -9.90 7.54
N GLU A 70 0.00 -10.25 7.97
CA GLU A 70 0.63 -9.49 9.05
C GLU A 70 1.03 -8.10 8.59
N VAL A 71 1.53 -7.96 7.35
CA VAL A 71 1.78 -6.63 6.81
C VAL A 71 0.51 -5.80 6.85
N ASP A 72 -0.60 -6.38 6.37
CA ASP A 72 -1.88 -5.69 6.43
C ASP A 72 -2.22 -5.24 7.85
N ALA A 73 -2.03 -6.14 8.83
CA ALA A 73 -2.37 -5.78 10.20
C ALA A 73 -1.53 -4.60 10.67
N ALA A 74 -0.23 -4.61 10.35
CA ALA A 74 0.62 -3.49 10.73
C ALA A 74 0.16 -2.21 10.06
N MET A 75 -0.16 -2.27 8.76
CA MET A 75 -0.60 -1.05 8.08
C MET A 75 -1.94 -0.57 8.63
N ASN A 76 -2.82 -1.49 9.00
CA ASN A 76 -4.11 -1.08 9.56
C ASN A 76 -3.99 -0.48 10.95
N ALA A 77 -2.86 -0.68 11.61
CA ALA A 77 -2.62 -0.12 12.93
C ALA A 77 -1.91 1.23 12.90
N ARG A 78 -1.65 1.79 11.72
CA ARG A 78 -1.16 3.16 11.66
C ARG A 78 -2.19 4.10 12.30
N PRO A 79 -1.76 5.25 12.80
CA PRO A 79 -0.38 5.74 12.84
C PRO A 79 0.46 5.01 13.88
N HIS A 80 1.71 4.75 13.57
CA HIS A 80 2.64 4.12 14.49
C HIS A 80 3.57 5.16 15.09
N LYS A 81 3.56 5.26 16.41
CA LYS A 81 4.50 6.10 17.13
C LYS A 81 5.54 5.17 17.74
N VAL A 82 6.76 5.26 17.23
CA VAL A 82 7.85 4.36 17.58
C VAL A 82 8.90 5.18 18.30
N ASP A 83 9.17 4.85 19.56
CA ASP A 83 10.15 5.60 20.33
C ASP A 83 9.86 7.11 20.33
N GLY A 84 8.57 7.44 20.37
CA GLY A 84 8.13 8.82 20.53
C GLY A 84 7.92 9.59 19.24
N ARG A 85 8.10 8.97 18.08
CA ARG A 85 8.00 9.67 16.81
C ARG A 85 7.05 8.89 15.89
N VAL A 86 6.14 9.61 15.24
CA VAL A 86 5.26 8.98 14.26
C VAL A 86 6.07 8.65 13.02
N VAL A 87 6.09 7.37 12.64
CA VAL A 87 6.90 6.90 11.54
C VAL A 87 6.04 6.73 10.30
N GLU A 88 6.65 6.40 9.18
CA GLU A 88 5.98 6.30 7.88
C GLU A 88 6.23 4.94 7.26
N PRO A 89 5.37 3.96 7.52
CA PRO A 89 5.54 2.64 6.90
C PRO A 89 4.97 2.62 5.50
N LYS A 90 5.68 1.95 4.59
CA LYS A 90 5.21 1.73 3.24
C LYS A 90 5.65 0.35 2.78
N ARG A 91 4.80 -0.27 1.98
CA ARG A 91 5.20 -1.56 1.39
C ARG A 91 6.35 -1.32 0.40
N ALA A 92 7.14 -2.36 0.19
CA ALA A 92 8.29 -2.28 -0.73
C ALA A 92 7.85 -1.98 -2.16
N VAL A 93 8.77 -1.39 -2.90
CA VAL A 93 8.48 -0.98 -4.30
C VAL A 93 8.17 -2.19 -5.20
N SER A 94 7.28 -1.97 -6.17
CA SER A 94 6.88 -3.01 -7.16
C SER A 94 7.50 -2.69 -8.52
N HIS A 104 9.59 4.67 -4.16
CA HIS A 104 8.17 4.43 -4.00
C HIS A 104 7.36 5.58 -4.58
N LEU A 105 6.42 5.25 -5.47
CA LEU A 105 5.53 6.24 -6.07
C LEU A 105 4.27 6.27 -5.20
N THR A 106 4.24 7.20 -4.24
CA THR A 106 3.21 7.20 -3.21
C THR A 106 2.01 8.01 -3.67
N VAL A 107 0.96 7.33 -4.11
CA VAL A 107 -0.22 8.01 -4.62
C VAL A 107 -1.47 7.35 -4.05
N LYS A 108 -2.58 8.06 -4.19
CA LYS A 108 -3.86 7.63 -3.64
C LYS A 108 -4.89 7.33 -4.71
N LYS A 109 -4.49 7.35 -5.98
CA LYS A 109 -5.43 7.27 -7.09
C LYS A 109 -4.99 6.18 -8.06
N ILE A 110 -5.96 5.44 -8.58
CA ILE A 110 -5.71 4.41 -9.57
C ILE A 110 -6.50 4.68 -10.84
N PHE A 111 -5.90 4.27 -11.96
CA PHE A 111 -6.58 4.08 -13.23
C PHE A 111 -7.09 2.65 -13.28
N VAL A 112 -8.34 2.48 -13.70
CA VAL A 112 -8.96 1.17 -13.88
C VAL A 112 -9.44 1.11 -15.32
N GLY A 113 -8.80 0.26 -16.13
CA GLY A 113 -9.15 0.15 -17.53
C GLY A 113 -9.75 -1.20 -17.88
N GLY A 114 -10.42 -1.27 -19.01
CA GLY A 114 -11.02 -2.50 -19.47
C GLY A 114 -12.41 -2.76 -18.92
N ILE A 115 -13.09 -1.74 -18.39
CA ILE A 115 -14.39 -1.93 -17.78
C ILE A 115 -15.53 -1.78 -18.78
N LYS A 116 -15.23 -1.40 -20.03
CA LYS A 116 -16.21 -1.36 -21.11
C LYS A 116 -17.34 -0.39 -20.78
N GLU A 117 -18.52 -0.57 -21.40
CA GLU A 117 -19.59 0.39 -21.22
C GLU A 117 -20.64 -0.02 -20.20
N ASP A 118 -20.60 -1.23 -19.66
CA ASP A 118 -21.64 -1.68 -18.74
C ASP A 118 -21.24 -1.59 -17.28
N THR A 119 -20.03 -1.13 -16.97
CA THR A 119 -19.57 -1.06 -15.60
C THR A 119 -20.00 0.25 -14.96
N GLU A 120 -20.61 0.16 -13.79
CA GLU A 120 -21.19 1.28 -13.07
C GLU A 120 -20.42 1.56 -11.78
N GLU A 121 -20.81 2.65 -11.13
CA GLU A 121 -20.11 3.11 -9.93
C GLU A 121 -20.15 2.04 -8.83
N HIS A 122 -21.29 1.40 -8.65
CA HIS A 122 -21.44 0.45 -7.57
C HIS A 122 -20.57 -0.79 -7.79
N HIS A 123 -20.35 -1.18 -9.05
CA HIS A 123 -19.43 -2.28 -9.33
C HIS A 123 -18.04 -1.95 -8.82
N LEU A 124 -17.57 -0.74 -9.14
CA LEU A 124 -16.23 -0.34 -8.72
C LEU A 124 -16.16 -0.15 -7.21
N ARG A 125 -17.20 0.44 -6.62
CA ARG A 125 -17.20 0.69 -5.18
C ARG A 125 -17.21 -0.61 -4.38
N ASP A 126 -18.09 -1.54 -4.76
CA ASP A 126 -18.23 -2.77 -3.97
C ASP A 126 -16.93 -3.55 -3.96
N TYR A 127 -16.19 -3.52 -5.06
CA TYR A 127 -14.92 -4.23 -5.15
C TYR A 127 -13.81 -3.45 -4.43
N PHE A 128 -13.59 -2.20 -4.83
CA PHE A 128 -12.43 -1.48 -4.33
C PHE A 128 -12.56 -1.05 -2.88
N GLU A 129 -13.76 -0.99 -2.32
CA GLU A 129 -13.90 -0.53 -0.94
C GLU A 129 -13.24 -1.50 0.04
N GLN A 130 -12.99 -2.73 -0.37
CA GLN A 130 -12.30 -3.68 0.48
C GLN A 130 -10.80 -3.49 0.48
N TYR A 131 -10.26 -2.63 -0.38
CA TYR A 131 -8.85 -2.25 -0.32
C TYR A 131 -8.61 -0.98 0.49
N GLY A 132 -9.60 -0.12 0.62
CA GLY A 132 -9.42 1.11 1.38
C GLY A 132 -10.65 1.96 1.27
N LYS A 133 -10.60 3.09 1.95
CA LYS A 133 -11.74 4.01 2.00
C LYS A 133 -11.74 4.86 0.74
N ILE A 134 -12.81 4.77 -0.03
CA ILE A 134 -12.91 5.47 -1.30
C ILE A 134 -13.43 6.89 -1.08
N GLU A 135 -12.77 7.85 -1.70
CA GLU A 135 -13.23 9.24 -1.70
C GLU A 135 -13.85 9.69 -3.01
N VAL A 136 -13.38 9.19 -4.15
CA VAL A 136 -13.89 9.61 -5.45
C VAL A 136 -13.90 8.41 -6.39
N ILE A 137 -15.00 8.24 -7.12
CA ILE A 137 -15.05 7.34 -8.26
C ILE A 137 -15.44 8.16 -9.48
N GLU A 138 -14.61 8.10 -10.52
CA GLU A 138 -14.84 8.89 -11.72
C GLU A 138 -14.87 7.92 -12.91
N ILE A 139 -16.08 7.62 -13.39
CA ILE A 139 -16.25 6.79 -14.58
C ILE A 139 -16.17 7.71 -15.80
N MET A 140 -15.27 7.41 -16.72
CA MET A 140 -14.87 8.39 -17.73
C MET A 140 -15.85 8.30 -18.89
N THR A 141 -16.30 9.45 -19.38
CA THR A 141 -17.24 9.50 -20.49
C THR A 141 -16.68 10.38 -21.59
N ASP A 142 -17.17 10.14 -22.81
CA ASP A 142 -16.70 10.89 -23.96
C ASP A 142 -17.17 12.34 -23.91
N ARG A 143 -16.22 13.26 -24.13
CA ARG A 143 -16.48 14.68 -24.05
C ARG A 143 -17.53 15.14 -25.04
N GLY A 144 -17.63 14.46 -26.18
CA GLY A 144 -18.59 14.85 -27.20
C GLY A 144 -19.94 14.15 -27.11
N SER A 145 -19.93 12.83 -26.87
CA SER A 145 -21.13 12.03 -26.95
C SER A 145 -21.70 11.62 -25.59
N GLY A 146 -20.89 11.70 -24.54
CA GLY A 146 -21.31 11.22 -23.23
C GLY A 146 -21.23 9.73 -23.05
N LYS A 147 -20.84 8.97 -24.07
CA LYS A 147 -20.75 7.53 -23.93
C LYS A 147 -19.58 7.15 -23.02
N LYS A 148 -19.75 6.05 -22.32
CA LYS A 148 -18.68 5.59 -21.44
C LYS A 148 -17.47 5.16 -22.27
N ARG A 149 -16.29 5.51 -21.79
CA ARG A 149 -15.08 5.21 -22.54
C ARG A 149 -14.43 3.91 -22.12
N GLY A 150 -14.92 3.29 -21.05
CA GLY A 150 -14.38 2.01 -20.62
C GLY A 150 -13.22 2.11 -19.65
N PHE A 151 -13.05 3.24 -18.98
CA PHE A 151 -12.08 3.32 -17.90
C PHE A 151 -12.58 4.27 -16.82
N ALA A 152 -11.92 4.21 -15.67
CA ALA A 152 -12.33 4.98 -14.51
C ALA A 152 -11.12 5.29 -13.66
N PHE A 153 -11.30 6.24 -12.76
CA PHE A 153 -10.31 6.53 -11.72
C PHE A 153 -10.98 6.40 -10.36
N VAL A 154 -10.24 5.82 -9.43
CA VAL A 154 -10.71 5.68 -8.05
C VAL A 154 -9.66 6.33 -7.16
N THR A 155 -10.11 7.22 -6.28
CA THR A 155 -9.25 7.90 -5.32
C THR A 155 -9.61 7.43 -3.93
N PHE A 156 -8.58 7.02 -3.18
CA PHE A 156 -8.71 6.54 -1.80
C PHE A 156 -8.19 7.60 -0.84
N ASP A 157 -8.48 7.39 0.44
CA ASP A 157 -7.98 8.32 1.46
C ASP A 157 -6.52 8.09 1.83
N ASP A 158 -5.86 7.07 1.27
CA ASP A 158 -4.55 6.69 1.76
C ASP A 158 -3.88 5.80 0.71
N HIS A 159 -2.55 5.86 0.68
CA HIS A 159 -1.79 5.20 -0.37
C HIS A 159 -1.72 3.69 -0.23
N ASP A 160 -1.92 3.13 0.98
CA ASP A 160 -1.72 1.69 1.12
C ASP A 160 -2.73 0.91 0.31
N SER A 161 -3.96 1.41 0.21
N SER A 161 -3.96 1.41 0.19
CA SER A 161 -4.96 0.82 -0.67
CA SER A 161 -4.95 0.77 -0.68
C SER A 161 -4.39 0.60 -2.07
C SER A 161 -4.42 0.59 -2.09
N VAL A 162 -3.85 1.66 -2.66
CA VAL A 162 -3.28 1.59 -4.00
C VAL A 162 -2.13 0.60 -4.05
N ASP A 163 -1.27 0.62 -3.03
CA ASP A 163 -0.13 -0.28 -3.03
C ASP A 163 -0.56 -1.74 -3.02
N LYS A 164 -1.59 -2.07 -2.24
CA LYS A 164 -2.12 -3.43 -2.25
C LYS A 164 -2.71 -3.77 -3.61
N ILE A 165 -3.41 -2.82 -4.21
CA ILE A 165 -4.11 -3.08 -5.46
C ILE A 165 -3.13 -3.41 -6.58
N VAL A 166 -2.09 -2.59 -6.72
CA VAL A 166 -1.25 -2.70 -7.92
C VAL A 166 -0.32 -3.90 -7.88
N ILE A 167 -0.13 -4.55 -6.72
CA ILE A 167 0.69 -5.74 -6.69
C ILE A 167 -0.09 -7.00 -7.02
N GLN A 168 -1.41 -6.95 -7.04
CA GLN A 168 -2.18 -8.11 -7.47
C GLN A 168 -1.95 -8.38 -8.95
N LYS A 169 -1.87 -9.66 -9.32
CA LYS A 169 -1.78 -10.00 -10.73
C LYS A 169 -3.07 -9.71 -11.49
N TYR A 170 -4.23 -9.82 -10.83
CA TYR A 170 -5.53 -9.81 -11.49
C TYR A 170 -6.50 -8.94 -10.72
N HIS A 171 -7.39 -8.28 -11.45
CA HIS A 171 -8.56 -7.61 -10.88
C HIS A 171 -9.76 -7.93 -11.75
N THR A 172 -10.77 -8.54 -11.15
CA THR A 172 -12.02 -8.89 -11.82
C THR A 172 -13.14 -8.05 -11.24
N VAL A 173 -13.76 -7.23 -12.09
CA VAL A 173 -14.84 -6.33 -11.69
C VAL A 173 -15.91 -6.41 -12.77
N ASN A 174 -17.13 -6.76 -12.38
CA ASN A 174 -18.25 -6.83 -13.32
C ASN A 174 -17.96 -7.79 -14.46
N GLY A 175 -17.34 -8.92 -14.11
CA GLY A 175 -16.95 -9.92 -15.09
C GLY A 175 -15.82 -9.54 -16.02
N HIS A 176 -15.23 -8.35 -15.88
CA HIS A 176 -14.16 -7.90 -16.75
C HIS A 176 -12.82 -8.12 -16.04
N ASN A 177 -11.82 -8.58 -16.80
CA ASN A 177 -10.43 -8.58 -16.34
C ASN A 177 -9.85 -7.20 -16.60
N CYS A 178 -9.54 -6.48 -15.52
CA CYS A 178 -9.23 -5.06 -15.61
C CYS A 178 -7.73 -4.83 -15.52
N GLU A 179 -7.28 -3.75 -16.14
CA GLU A 179 -5.92 -3.26 -16.00
C GLU A 179 -5.94 -2.11 -14.99
N VAL A 180 -5.12 -2.22 -13.94
CA VAL A 180 -5.13 -1.24 -12.89
C VAL A 180 -3.71 -0.72 -12.71
N ARG A 181 -3.55 0.60 -12.70
CA ARG A 181 -2.25 1.22 -12.50
C ARG A 181 -2.39 2.42 -11.58
N LYS A 182 -1.26 2.80 -10.98
CA LYS A 182 -1.20 4.05 -10.24
C LYS A 182 -1.44 5.21 -11.19
N ALA A 183 -2.17 6.23 -10.72
CA ALA A 183 -2.49 7.41 -11.52
C ALA A 183 -1.92 8.66 -10.87
N LEU A 184 -1.21 9.46 -11.66
CA LEU A 184 -0.53 10.70 -11.25
C LEU A 184 0.06 10.67 -9.83
#